data_2M6W
#
_entry.id   2M6W
#
_entity_poly.entity_id   1
_entity_poly.type   'polydeoxyribonucleotide'
_entity_poly.pdbx_seq_one_letter_code
;(DG)(DG)(DG)(DG)(DT)(DT)(DG)(DG)(DG)(DG)(DT)(DT)(DT)(DT)(DG)(DG)(DG)(DG)(DA)(DA)
(DG)(DG)(DG)(DG)
;
_entity_poly.pdbx_strand_id   A
#